data_4M1L
#
_entry.id   4M1L
#
_cell.length_a   40.491
_cell.length_b   40.491
_cell.length_c   179.689
_cell.angle_alpha   90.00
_cell.angle_beta   90.00
_cell.angle_gamma   120.00
#
_symmetry.space_group_name_H-M   'P 32 2 1'
#
loop_
_entity.id
_entity.type
_entity.pdbx_description
1 polymer Calmodulin
2 polymer 'IQ domain-containing protein G'
3 non-polymer 'CALCIUM ION'
4 non-polymer 'SULFATE ION'
5 water water
#
loop_
_entity_poly.entity_id
_entity_poly.type
_entity_poly.pdbx_seq_one_letter_code
_entity_poly.pdbx_strand_id
1 'polypeptide(L)'
;ADQLTEEQIAEFKEAFSLFDKDGDGTITTKELGTVMRSLGQNPTEAELQDMINEVDADGNGTIDFPEFLTMMARKMKDTD
SEEEIREAFRVFDKDGNGYISAAELRHVMTNLGEKLTDEEVDEMIREADIDGDGQVNYEEFVQMMTAK
;
A
2 'polypeptide(L)' GPLGSDRIEKERSKKKVKQDLLELKSVIKLQAWWRGTMIRREIGGFKMPKDKVDSKDSKGKGKGK B
#
# COMPACT_ATOMS: atom_id res chain seq x y z
N GLN A 3 3.17 -19.94 -6.02
CA GLN A 3 1.86 -19.97 -5.41
C GLN A 3 1.82 -19.15 -4.13
N LEU A 4 0.61 -18.87 -3.64
CA LEU A 4 0.44 -18.15 -2.37
C LEU A 4 0.83 -19.04 -1.20
N THR A 5 1.74 -18.57 -0.36
CA THR A 5 2.21 -19.33 0.79
C THR A 5 1.53 -18.88 2.08
N GLU A 6 1.74 -19.63 3.16
CA GLU A 6 1.17 -19.28 4.46
C GLU A 6 1.70 -17.96 4.98
N GLU A 7 3.01 -17.75 4.85
CA GLU A 7 3.64 -16.52 5.31
C GLU A 7 3.18 -15.30 4.50
N GLN A 8 2.97 -15.51 3.20
CA GLN A 8 2.44 -14.45 2.35
C GLN A 8 1.02 -14.09 2.76
N ILE A 9 0.25 -15.09 3.16
CA ILE A 9 -1.10 -14.90 3.67
C ILE A 9 -1.08 -14.07 4.95
N ALA A 10 -0.14 -14.40 5.84
CA ALA A 10 0.03 -13.65 7.09
C ALA A 10 0.48 -12.21 6.80
N GLU A 11 1.31 -12.03 5.77
CA GLU A 11 1.73 -10.70 5.36
C GLU A 11 0.53 -9.87 4.90
N PHE A 12 -0.32 -10.48 4.08
CA PHE A 12 -1.55 -9.83 3.62
C PHE A 12 -2.49 -9.55 4.80
N LYS A 13 -2.51 -10.46 5.77
CA LYS A 13 -3.35 -10.30 6.95
C LYS A 13 -2.90 -9.09 7.77
N GLU A 14 -1.58 -8.91 7.86
CA GLU A 14 -1.01 -7.74 8.52
C GLU A 14 -1.45 -6.47 7.81
N ALA A 15 -1.41 -6.52 6.48
CA ALA A 15 -1.78 -5.37 5.66
C ALA A 15 -3.25 -5.03 5.83
N PHE A 16 -4.10 -6.06 5.89
CA PHE A 16 -5.53 -5.88 6.11
C PHE A 16 -5.76 -5.16 7.43
N SER A 17 -5.02 -5.54 8.46
CA SER A 17 -5.11 -4.91 9.78
C SER A 17 -4.74 -3.43 9.73
N LEU A 18 -3.87 -3.06 8.80
CA LEU A 18 -3.48 -1.66 8.64
C LEU A 18 -4.67 -0.81 8.23
N PHE A 19 -5.47 -1.35 7.30
CA PHE A 19 -6.66 -0.68 6.82
C PHE A 19 -7.82 -0.78 7.79
N ASP A 20 -7.97 -1.95 8.41
CA ASP A 20 -9.07 -2.20 9.34
C ASP A 20 -8.77 -1.61 10.72
N LYS A 21 -8.94 -0.30 10.85
CA LYS A 21 -8.61 0.43 12.08
C LYS A 21 -9.31 -0.10 13.34
N ASP A 22 -10.62 -0.31 13.26
CA ASP A 22 -11.39 -0.75 14.42
C ASP A 22 -11.32 -2.26 14.62
N GLY A 23 -10.69 -2.95 13.68
CA GLY A 23 -10.48 -4.38 13.78
C GLY A 23 -11.75 -5.21 13.75
N ASP A 24 -12.80 -4.67 13.12
CA ASP A 24 -14.08 -5.37 13.07
C ASP A 24 -14.16 -6.37 11.90
N GLY A 25 -13.06 -6.50 11.17
CA GLY A 25 -12.96 -7.51 10.12
C GLY A 25 -13.36 -7.03 8.75
N THR A 26 -13.68 -5.74 8.62
CA THR A 26 -14.06 -5.16 7.33
C THR A 26 -13.41 -3.80 7.11
N ILE A 27 -13.09 -3.49 5.86
CA ILE A 27 -12.57 -2.16 5.51
C ILE A 27 -13.71 -1.34 4.89
N THR A 28 -14.03 -0.21 5.51
CA THR A 28 -15.08 0.67 5.00
C THR A 28 -14.47 1.78 4.15
N THR A 29 -15.32 2.58 3.52
CA THR A 29 -14.88 3.74 2.76
C THR A 29 -14.17 4.74 3.67
N LYS A 30 -14.65 4.81 4.91
CA LYS A 30 -14.12 5.74 5.91
C LYS A 30 -12.69 5.38 6.27
N GLU A 31 -12.44 4.09 6.48
CA GLU A 31 -11.11 3.61 6.84
C GLU A 31 -10.15 3.74 5.66
N LEU A 32 -10.63 3.47 4.45
CA LEU A 32 -9.83 3.61 3.25
C LEU A 32 -9.42 5.07 3.05
N GLY A 33 -10.37 5.98 3.28
CA GLY A 33 -10.11 7.40 3.19
C GLY A 33 -9.09 7.84 4.22
N THR A 34 -9.20 7.27 5.41
CA THR A 34 -8.28 7.57 6.51
C THR A 34 -6.84 7.17 6.15
N VAL A 35 -6.68 5.99 5.55
CA VAL A 35 -5.36 5.52 5.14
C VAL A 35 -4.78 6.39 4.03
N MET A 36 -5.59 6.76 3.06
N MET A 36 -5.60 6.73 3.06
CA MET A 36 -5.09 7.52 1.92
CA MET A 36 -5.17 7.53 1.91
C MET A 36 -4.69 8.95 2.30
C MET A 36 -4.68 8.91 2.34
N ARG A 37 -5.43 9.55 3.22
CA ARG A 37 -5.08 10.87 3.73
C ARG A 37 -3.78 10.85 4.53
N SER A 38 -3.52 9.73 5.20
CA SER A 38 -2.28 9.61 5.97
C SER A 38 -1.07 9.42 5.05
N LEU A 39 -1.35 9.11 3.78
CA LEU A 39 -0.31 9.02 2.75
C LEU A 39 -0.26 10.32 1.94
N GLY A 40 -1.08 11.29 2.32
CA GLY A 40 -1.07 12.60 1.67
C GLY A 40 -1.97 12.71 0.45
N GLN A 41 -2.89 11.75 0.29
CA GLN A 41 -3.82 11.79 -0.84
C GLN A 41 -5.19 12.28 -0.39
N ASN A 42 -5.92 12.95 -1.29
CA ASN A 42 -7.23 13.47 -0.96
C ASN A 42 -8.34 12.98 -1.89
N PRO A 43 -8.80 11.74 -1.69
CA PRO A 43 -9.89 11.17 -2.49
C PRO A 43 -11.24 11.73 -2.06
N THR A 44 -12.22 11.70 -2.96
CA THR A 44 -13.58 12.12 -2.63
C THR A 44 -14.39 10.94 -2.13
N GLU A 45 -15.60 11.22 -1.68
CA GLU A 45 -16.49 10.22 -1.21
C GLU A 45 -16.87 9.28 -2.32
N ALA A 46 -17.04 9.83 -3.51
CA ALA A 46 -17.47 9.09 -4.70
C ALA A 46 -16.37 8.15 -5.16
N GLU A 47 -15.13 8.61 -5.06
CA GLU A 47 -13.99 7.80 -5.49
C GLU A 47 -13.74 6.64 -4.54
N LEU A 48 -13.93 6.88 -3.24
CA LEU A 48 -13.80 5.82 -2.25
C LEU A 48 -14.85 4.74 -2.44
N GLN A 49 -16.08 5.14 -2.76
N GLN A 49 -16.08 5.15 -2.75
CA GLN A 49 -17.16 4.19 -2.99
CA GLN A 49 -17.17 4.22 -3.01
C GLN A 49 -16.89 3.36 -4.24
C GLN A 49 -16.88 3.37 -4.23
N ASP A 50 -16.33 4.00 -5.25
CA ASP A 50 -16.01 3.31 -6.50
C ASP A 50 -14.86 2.33 -6.31
N MET A 51 -13.86 2.73 -5.52
CA MET A 51 -12.73 1.86 -5.20
C MET A 51 -13.21 0.58 -4.53
N ILE A 52 -14.11 0.72 -3.55
CA ILE A 52 -14.62 -0.44 -2.82
C ILE A 52 -15.56 -1.27 -3.67
N ASN A 53 -16.41 -0.63 -4.47
CA ASN A 53 -17.31 -1.33 -5.38
C ASN A 53 -16.55 -2.24 -6.34
N GLU A 54 -15.35 -1.84 -6.73
CA GLU A 54 -14.53 -2.60 -7.67
C GLU A 54 -14.11 -3.96 -7.10
N VAL A 55 -13.96 -4.03 -5.78
CA VAL A 55 -13.41 -5.21 -5.12
C VAL A 55 -14.39 -5.87 -4.16
N ASP A 56 -15.52 -5.20 -3.91
CA ASP A 56 -16.56 -5.73 -3.03
C ASP A 56 -17.35 -6.83 -3.73
N ALA A 57 -16.80 -8.05 -3.73
CA ALA A 57 -17.36 -9.16 -4.50
C ALA A 57 -18.80 -9.55 -4.13
N ASP A 58 -19.17 -9.43 -2.86
CA ASP A 58 -20.53 -9.78 -2.43
C ASP A 58 -21.46 -8.56 -2.39
N GLY A 59 -20.94 -7.41 -2.79
CA GLY A 59 -21.73 -6.19 -2.95
C GLY A 59 -22.34 -5.63 -1.68
N ASN A 60 -21.72 -5.92 -0.54
CA ASN A 60 -22.26 -5.50 0.75
C ASN A 60 -21.74 -4.14 1.23
N GLY A 61 -20.87 -3.53 0.43
CA GLY A 61 -20.41 -2.18 0.73
C GLY A 61 -19.09 -2.07 1.47
N THR A 62 -18.57 -3.19 1.95
CA THR A 62 -17.30 -3.21 2.65
C THR A 62 -16.39 -4.32 2.14
N ILE A 63 -15.10 -4.24 2.49
CA ILE A 63 -14.13 -5.26 2.09
C ILE A 63 -13.74 -6.13 3.28
N ASP A 64 -14.01 -7.43 3.20
CA ASP A 64 -13.51 -8.36 4.22
C ASP A 64 -12.17 -8.96 3.78
N PHE A 65 -11.56 -9.78 4.63
CA PHE A 65 -10.25 -10.33 4.29
C PHE A 65 -10.17 -11.16 3.00
N PRO A 66 -11.15 -12.07 2.77
CA PRO A 66 -11.09 -12.81 1.50
C PRO A 66 -11.10 -11.91 0.27
N GLU A 67 -11.92 -10.86 0.29
CA GLU A 67 -11.96 -9.89 -0.80
C GLU A 67 -10.64 -9.13 -0.91
N PHE A 68 -10.10 -8.73 0.23
CA PHE A 68 -8.83 -8.01 0.27
C PHE A 68 -7.71 -8.89 -0.27
N LEU A 69 -7.67 -10.13 0.18
CA LEU A 69 -6.66 -11.09 -0.25
C LEU A 69 -6.76 -11.37 -1.75
N THR A 70 -7.99 -11.50 -2.22
CA THR A 70 -8.26 -11.77 -3.64
C THR A 70 -7.72 -10.66 -4.52
N MET A 71 -8.15 -9.42 -4.26
CA MET A 71 -7.79 -8.29 -5.12
C MET A 71 -6.32 -7.90 -5.01
N MET A 72 -5.74 -8.05 -3.82
CA MET A 72 -4.33 -7.70 -3.63
C MET A 72 -3.41 -8.68 -4.35
N ALA A 73 -3.70 -9.97 -4.23
CA ALA A 73 -2.93 -10.99 -4.93
C ALA A 73 -3.02 -10.82 -6.45
N ARG A 74 -4.20 -10.45 -6.93
CA ARG A 74 -4.38 -10.15 -8.35
C ARG A 74 -3.58 -8.93 -8.77
N LYS A 75 -3.66 -7.85 -7.98
CA LYS A 75 -2.97 -6.61 -8.30
C LYS A 75 -1.46 -6.78 -8.34
N MET A 76 -0.93 -7.67 -7.50
CA MET A 76 0.51 -7.92 -7.47
C MET A 76 1.00 -8.53 -8.79
N LYS A 77 0.09 -9.16 -9.52
CA LYS A 77 0.41 -9.78 -10.81
C LYS A 77 0.48 -8.76 -11.93
N ASP A 78 0.21 -7.50 -11.61
CA ASP A 78 0.25 -6.43 -12.60
C ASP A 78 1.28 -5.37 -12.23
N THR A 79 1.77 -4.65 -13.23
CA THR A 79 2.67 -3.53 -13.00
C THR A 79 1.93 -2.26 -13.36
N ASP A 80 1.95 -1.29 -12.44
CA ASP A 80 1.24 -0.04 -12.66
C ASP A 80 2.06 0.92 -13.51
N SER A 81 1.42 1.97 -14.01
CA SER A 81 2.08 2.93 -14.88
C SER A 81 3.23 3.63 -14.15
N GLU A 82 4.11 4.28 -14.92
CA GLU A 82 5.27 4.95 -14.35
C GLU A 82 4.86 6.13 -13.47
N GLU A 83 3.83 6.86 -13.89
CA GLU A 83 3.35 8.00 -13.11
C GLU A 83 2.75 7.55 -11.77
N GLU A 84 2.07 6.41 -11.77
CA GLU A 84 1.48 5.85 -10.56
C GLU A 84 2.56 5.41 -9.57
N ILE A 85 3.62 4.79 -10.10
CA ILE A 85 4.75 4.36 -9.30
C ILE A 85 5.57 5.55 -8.81
N ARG A 86 5.79 6.52 -9.69
CA ARG A 86 6.55 7.71 -9.34
C ARG A 86 5.85 8.51 -8.23
N GLU A 87 4.51 8.54 -8.28
CA GLU A 87 3.72 9.19 -7.25
C GLU A 87 3.88 8.52 -5.89
N ALA A 88 3.85 7.19 -5.89
CA ALA A 88 4.02 6.41 -4.66
C ALA A 88 5.42 6.61 -4.08
N PHE A 89 6.41 6.71 -4.96
CA PHE A 89 7.79 6.90 -4.56
C PHE A 89 7.97 8.22 -3.80
N ARG A 90 7.26 9.26 -4.25
CA ARG A 90 7.35 10.58 -3.61
C ARG A 90 6.71 10.59 -2.22
N VAL A 91 5.76 9.70 -2.00
CA VAL A 91 5.14 9.57 -0.68
C VAL A 91 6.20 9.17 0.34
N PHE A 92 7.14 8.32 -0.09
CA PHE A 92 8.21 7.85 0.78
C PHE A 92 9.42 8.77 0.77
N ASP A 93 9.83 9.20 -0.43
CA ASP A 93 10.98 10.08 -0.56
C ASP A 93 10.60 11.52 -0.22
N LYS A 94 10.40 11.80 1.06
CA LYS A 94 9.94 13.10 1.53
C LYS A 94 10.89 14.27 1.20
N ASP A 95 12.19 14.06 1.42
CA ASP A 95 13.16 15.13 1.15
C ASP A 95 13.48 15.24 -0.34
N GLY A 96 12.96 14.27 -1.11
CA GLY A 96 13.03 14.31 -2.56
C GLY A 96 14.42 14.11 -3.14
N ASN A 97 15.31 13.50 -2.37
CA ASN A 97 16.69 13.32 -2.82
C ASN A 97 16.90 12.10 -3.72
N GLY A 98 15.83 11.35 -3.96
CA GLY A 98 15.88 10.22 -4.88
C GLY A 98 16.17 8.89 -4.21
N TYR A 99 16.27 8.90 -2.88
CA TYR A 99 16.57 7.70 -2.12
C TYR A 99 15.66 7.56 -0.90
N ILE A 100 15.02 6.41 -0.77
CA ILE A 100 14.21 6.12 0.41
C ILE A 100 15.09 5.54 1.51
N SER A 101 15.20 6.26 2.63
CA SER A 101 16.01 5.79 3.76
C SER A 101 15.14 5.03 4.75
N ALA A 102 15.77 4.42 5.75
CA ALA A 102 15.04 3.70 6.80
C ALA A 102 14.14 4.66 7.57
N ALA A 103 14.65 5.85 7.87
CA ALA A 103 13.91 6.86 8.61
C ALA A 103 12.66 7.34 7.86
N GLU A 104 12.78 7.49 6.54
CA GLU A 104 11.64 7.91 5.73
C GLU A 104 10.57 6.81 5.68
N LEU A 105 11.01 5.56 5.66
CA LEU A 105 10.09 4.43 5.70
C LEU A 105 9.44 4.33 7.08
N ARG A 106 10.24 4.55 8.13
CA ARG A 106 9.75 4.63 9.50
C ARG A 106 8.63 5.67 9.59
N HIS A 107 8.88 6.83 8.99
CA HIS A 107 7.95 7.95 9.04
C HIS A 107 6.58 7.64 8.43
N VAL A 108 6.58 6.99 7.27
CA VAL A 108 5.34 6.64 6.59
C VAL A 108 4.57 5.58 7.36
N MET A 109 5.27 4.54 7.80
CA MET A 109 4.65 3.46 8.57
C MET A 109 4.06 3.97 9.87
N THR A 110 4.73 4.92 10.51
CA THR A 110 4.23 5.54 11.73
C THR A 110 2.95 6.32 11.45
N ASN A 111 2.97 7.07 10.35
CA ASN A 111 1.81 7.88 9.97
C ASN A 111 0.61 6.98 9.67
N LEU A 112 0.89 5.76 9.21
CA LEU A 112 -0.15 4.78 8.93
C LEU A 112 -0.67 4.12 10.20
N GLY A 113 -0.07 4.47 11.34
CA GLY A 113 -0.52 3.95 12.63
C GLY A 113 0.18 2.66 13.02
N GLU A 114 1.04 2.16 12.15
CA GLU A 114 1.79 0.94 12.43
C GLU A 114 2.96 1.25 13.36
N LYS A 115 3.27 0.32 14.26
CA LYS A 115 4.34 0.53 15.24
C LYS A 115 5.48 -0.47 15.08
N LEU A 116 6.33 -0.24 14.08
CA LEU A 116 7.44 -1.14 13.78
C LEU A 116 8.68 -0.83 14.61
N THR A 117 9.52 -1.85 14.81
CA THR A 117 10.83 -1.65 15.42
C THR A 117 11.83 -1.20 14.36
N ASP A 118 12.98 -0.69 14.80
CA ASP A 118 14.04 -0.29 13.88
C ASP A 118 14.55 -1.51 13.11
N GLU A 119 14.52 -2.67 13.75
CA GLU A 119 14.95 -3.91 13.11
C GLU A 119 13.99 -4.32 11.98
N GLU A 120 12.69 -4.17 12.23
CA GLU A 120 11.67 -4.51 11.25
C GLU A 120 11.74 -3.62 10.01
N VAL A 121 12.03 -2.33 10.22
CA VAL A 121 12.15 -1.39 9.11
C VAL A 121 13.40 -1.67 8.27
N ASP A 122 14.52 -1.90 8.95
CA ASP A 122 15.76 -2.26 8.28
C ASP A 122 15.60 -3.52 7.44
N GLU A 123 14.84 -4.48 7.95
CA GLU A 123 14.53 -5.70 7.22
C GLU A 123 13.78 -5.39 5.93
N MET A 124 12.85 -4.44 6.00
CA MET A 124 12.08 -4.03 4.83
C MET A 124 13.00 -3.38 3.79
N ILE A 125 13.82 -2.43 4.25
CA ILE A 125 14.76 -1.74 3.38
C ILE A 125 15.70 -2.75 2.71
N ARG A 126 16.21 -3.69 3.50
CA ARG A 126 17.16 -4.68 3.01
C ARG A 126 16.59 -5.52 1.86
N GLU A 127 15.32 -5.88 1.98
CA GLU A 127 14.69 -6.73 0.96
C GLU A 127 14.46 -5.98 -0.34
N ALA A 128 14.14 -4.69 -0.22
CA ALA A 128 13.89 -3.84 -1.39
C ALA A 128 15.18 -3.34 -2.02
N ASP A 129 16.22 -3.22 -1.20
CA ASP A 129 17.53 -2.78 -1.66
C ASP A 129 18.13 -3.81 -2.62
N ILE A 130 18.68 -3.33 -3.74
CA ILE A 130 19.30 -4.23 -4.71
C ILE A 130 20.81 -4.05 -4.79
N ASP A 131 21.27 -2.81 -4.89
CA ASP A 131 22.71 -2.55 -5.03
C ASP A 131 23.46 -2.65 -3.70
N GLY A 132 22.72 -2.65 -2.60
CA GLY A 132 23.30 -2.88 -1.29
C GLY A 132 23.80 -1.63 -0.58
N ASP A 133 23.29 -0.47 -0.96
CA ASP A 133 23.74 0.79 -0.36
C ASP A 133 22.94 1.15 0.89
N GLY A 134 21.95 0.33 1.20
CA GLY A 134 21.16 0.53 2.41
C GLY A 134 20.01 1.50 2.21
N GLN A 135 19.77 1.85 0.95
CA GLN A 135 18.65 2.72 0.62
C GLN A 135 17.92 2.18 -0.59
N VAL A 136 16.72 2.72 -0.86
CA VAL A 136 15.94 2.31 -2.01
C VAL A 136 15.83 3.46 -2.99
N ASN A 137 16.47 3.34 -4.15
CA ASN A 137 16.30 4.35 -5.19
C ASN A 137 15.06 4.08 -6.03
N TYR A 138 14.78 4.97 -6.99
CA TYR A 138 13.58 4.80 -7.80
C TYR A 138 13.61 3.53 -8.61
N GLU A 139 14.77 3.23 -9.19
CA GLU A 139 14.93 2.04 -10.03
C GLU A 139 14.64 0.76 -9.26
N GLU A 140 15.07 0.72 -8.01
CA GLU A 140 14.83 -0.43 -7.15
C GLU A 140 13.36 -0.48 -6.72
N PHE A 141 12.78 0.70 -6.48
CA PHE A 141 11.38 0.84 -6.13
C PHE A 141 10.50 0.30 -7.26
N VAL A 142 10.89 0.59 -8.49
CA VAL A 142 10.19 0.12 -9.68
C VAL A 142 10.23 -1.40 -9.77
N GLN A 143 11.42 -1.97 -9.58
CA GLN A 143 11.59 -3.42 -9.59
C GLN A 143 10.70 -4.10 -8.55
N MET A 144 10.67 -3.54 -7.35
CA MET A 144 9.88 -4.08 -6.26
C MET A 144 8.40 -4.15 -6.63
N MET A 145 7.94 -3.13 -7.34
CA MET A 145 6.53 -3.06 -7.73
C MET A 145 6.26 -3.74 -9.07
N THR A 146 7.26 -4.40 -9.62
CA THR A 146 7.12 -5.04 -10.94
C THR A 146 6.74 -6.51 -10.83
N ALA A 147 5.70 -6.90 -11.57
CA ALA A 147 5.21 -8.28 -11.58
C ALA A 147 6.29 -9.28 -12.00
N GLN B 19 10.63 -12.17 4.02
CA GLN B 19 9.95 -10.90 3.77
C GLN B 19 9.67 -10.67 2.29
N ASP B 20 8.39 -10.66 1.93
CA ASP B 20 8.00 -10.40 0.54
C ASP B 20 7.40 -9.01 0.40
N LEU B 21 7.53 -8.21 1.45
CA LEU B 21 7.15 -6.79 1.42
C LEU B 21 5.68 -6.53 1.05
N LEU B 22 4.83 -7.54 1.22
CA LEU B 22 3.44 -7.45 0.80
C LEU B 22 2.64 -6.40 1.58
N GLU B 23 3.10 -6.07 2.77
CA GLU B 23 2.49 -5.00 3.56
C GLU B 23 2.79 -3.66 2.88
N LEU B 24 4.07 -3.45 2.58
CA LEU B 24 4.52 -2.23 1.90
C LEU B 24 3.93 -2.14 0.50
N LYS B 25 3.90 -3.27 -0.20
CA LYS B 25 3.38 -3.30 -1.57
C LYS B 25 1.89 -3.01 -1.63
N SER B 26 1.17 -3.41 -0.59
CA SER B 26 -0.28 -3.20 -0.52
C SER B 26 -0.65 -1.73 -0.44
N VAL B 27 0.10 -0.95 0.34
CA VAL B 27 -0.19 0.48 0.47
C VAL B 27 0.22 1.25 -0.78
N ILE B 28 1.27 0.78 -1.46
CA ILE B 28 1.70 1.38 -2.71
C ILE B 28 0.67 1.15 -3.81
N LYS B 29 0.03 -0.02 -3.78
CA LYS B 29 -0.97 -0.39 -4.78
C LYS B 29 -2.20 0.52 -4.71
N LEU B 30 -2.37 1.18 -3.57
CA LEU B 30 -3.48 2.11 -3.35
C LEU B 30 -3.51 3.21 -4.39
N GLN B 31 -2.34 3.75 -4.70
CA GLN B 31 -2.21 4.88 -5.62
C GLN B 31 -2.89 4.60 -6.96
N ALA B 32 -2.50 3.51 -7.61
CA ALA B 32 -3.08 3.14 -8.89
C ALA B 32 -4.54 2.72 -8.76
N TRP B 33 -4.86 2.07 -7.64
CA TRP B 33 -6.22 1.66 -7.34
C TRP B 33 -7.14 2.89 -7.33
N TRP B 34 -6.69 3.93 -6.63
CA TRP B 34 -7.43 5.17 -6.52
C TRP B 34 -7.49 5.93 -7.85
N ARG B 35 -6.35 6.02 -8.51
CA ARG B 35 -6.26 6.74 -9.78
C ARG B 35 -7.27 6.23 -10.80
N GLY B 36 -7.54 4.92 -10.76
CA GLY B 36 -8.45 4.30 -11.70
C GLY B 36 -9.90 4.69 -11.51
N THR B 37 -10.22 5.41 -10.44
CA THR B 37 -11.59 5.79 -10.12
C THR B 37 -11.81 7.30 -10.14
N MET B 38 -10.73 8.06 -10.29
CA MET B 38 -10.81 9.52 -10.18
C MET B 38 -11.73 10.17 -11.21
N ILE B 39 -12.46 11.18 -10.75
CA ILE B 39 -13.24 12.04 -11.64
C ILE B 39 -12.81 13.49 -11.40
N ARG B 40 -12.53 14.21 -12.48
CA ARG B 40 -12.09 15.60 -12.35
C ARG B 40 -13.21 16.47 -11.83
N ARG B 41 -12.89 17.35 -10.87
CA ARG B 41 -13.86 18.29 -10.33
C ARG B 41 -14.24 19.33 -11.38
#